data_1JPN
#
_entry.id   1JPN
#
_cell.length_a   108.815
_cell.length_b   54.531
_cell.length_c   99.078
_cell.angle_alpha   90.00
_cell.angle_beta   97.42
_cell.angle_gamma   90.00
#
_symmetry.space_group_name_H-M   'C 1 2 1'
#
loop_
_entity.id
_entity.type
_entity.pdbx_description
1 polymer 'SIGNAL RECOGNITION PARTICLE PROTEIN'
2 non-polymer 'CALCIUM ION'
3 non-polymer 'PHOSPHOAMINOPHOSPHONIC ACID-GUANYLATE ESTER'
4 non-polymer 'ACETIC ACID'
5 water water
#
_entity_poly.entity_id   1
_entity_poly.type   'polypeptide(L)'
_entity_poly.pdbx_seq_one_letter_code
;MFQQLSARLQEAIGRLRGRGRITEEDLKATLREIRRALMDADVNLEVARDFVERVREEALGKQVLESLTPAEVILATVYE
ALKEALGGEARLPVLKDRNLWFLVGLQGSGKTTTAAKLALYYKGKGRRPLLVAADTQRPAAREQLRLLGEKVGVPVLEVM
DGESPESIRRRVEEKARLEARDLILVDTAGRLQIDEPLMGELARLKEVLGPDEVLLVLDAMTGQEALSVARAFDEKVGVT
GLVLTKLDGDARGGAALSARHVTGKPIYFAGVSEKPEGLEPFYPERLAGRILGMGD
;
_entity_poly.pdbx_strand_id   B,A
#
# COMPACT_ATOMS: atom_id res chain seq x y z
N MET A 1 7.59 -21.57 -10.72
CA MET A 1 7.25 -20.24 -10.14
C MET A 1 6.39 -19.42 -11.12
N PHE A 2 5.56 -18.54 -10.56
CA PHE A 2 4.69 -17.67 -11.34
C PHE A 2 3.50 -18.41 -11.96
N GLN A 3 3.53 -19.74 -11.94
CA GLN A 3 2.44 -20.53 -12.52
C GLN A 3 1.09 -20.16 -11.91
N GLN A 4 1.04 -20.08 -10.58
CA GLN A 4 -0.19 -19.73 -9.88
C GLN A 4 -0.68 -18.34 -10.26
N LEU A 5 0.20 -17.35 -10.13
CA LEU A 5 -0.15 -15.98 -10.46
C LEU A 5 -0.52 -15.83 -11.93
N SER A 6 0.23 -16.51 -12.79
N SER A 6 0.23 -16.51 -12.79
CA SER A 6 -0.01 -16.44 -14.24
CA SER A 6 0.00 -16.45 -14.24
C SER A 6 -1.44 -16.85 -14.58
C SER A 6 -1.44 -16.86 -14.59
N ALA A 7 -1.88 -17.99 -14.06
CA ALA A 7 -3.22 -18.50 -14.32
C ALA A 7 -4.31 -17.57 -13.79
N ARG A 8 -4.08 -16.99 -12.62
N ARG A 8 -4.08 -16.99 -12.62
CA ARG A 8 -5.05 -16.09 -12.01
CA ARG A 8 -5.05 -16.09 -12.01
C ARG A 8 -5.21 -14.80 -12.82
C ARG A 8 -5.21 -14.80 -12.82
N LEU A 9 -4.10 -14.28 -13.32
CA LEU A 9 -4.11 -13.05 -14.10
C LEU A 9 -4.75 -13.29 -15.47
N GLN A 10 -4.34 -14.37 -16.12
CA GLN A 10 -4.87 -14.72 -17.44
C GLN A 10 -6.37 -14.93 -17.37
N GLU A 11 -6.84 -15.53 -16.27
CA GLU A 11 -8.25 -15.79 -16.08
C GLU A 11 -9.03 -14.49 -15.85
N ALA A 12 -8.45 -13.59 -15.06
CA ALA A 12 -9.08 -12.32 -14.76
C ALA A 12 -9.26 -11.48 -16.02
N ILE A 13 -8.28 -11.54 -16.91
CA ILE A 13 -8.35 -10.77 -18.15
C ILE A 13 -9.18 -11.48 -19.22
N GLY A 14 -8.93 -12.76 -19.42
CA GLY A 14 -9.67 -13.52 -20.42
C GLY A 14 -11.17 -13.54 -20.24
N ARG A 15 -11.62 -13.56 -18.99
CA ARG A 15 -13.05 -13.59 -18.70
C ARG A 15 -13.80 -12.36 -19.18
N LEU A 16 -13.06 -11.33 -19.60
CA LEU A 16 -13.67 -10.08 -20.07
C LEU A 16 -13.83 -10.08 -21.60
N ARG A 17 -13.23 -11.06 -22.25
CA ARG A 17 -13.28 -11.17 -23.71
C ARG A 17 -14.65 -11.56 -24.25
N GLY A 18 -14.98 -11.03 -25.42
CA GLY A 18 -16.25 -11.34 -26.06
C GLY A 18 -17.49 -11.01 -25.27
N ARG A 19 -17.46 -9.89 -24.55
CA ARG A 19 -18.61 -9.48 -23.75
C ARG A 19 -18.96 -8.01 -24.01
N GLY A 20 -18.39 -7.46 -25.08
CA GLY A 20 -18.66 -6.08 -25.40
C GLY A 20 -18.05 -5.17 -24.35
N ARG A 21 -18.63 -3.99 -24.18
CA ARG A 21 -18.15 -3.02 -23.19
C ARG A 21 -18.36 -3.50 -21.77
N ILE A 22 -17.46 -3.09 -20.87
CA ILE A 22 -17.55 -3.45 -19.46
C ILE A 22 -17.91 -2.23 -18.62
N THR A 23 -18.51 -2.48 -17.47
CA THR A 23 -18.93 -1.40 -16.56
C THR A 23 -17.82 -1.09 -15.55
N GLU A 24 -17.90 0.10 -14.96
CA GLU A 24 -16.91 0.51 -13.96
C GLU A 24 -16.85 -0.52 -12.85
N GLU A 25 -17.98 -1.17 -12.60
CA GLU A 25 -18.07 -2.20 -11.57
C GLU A 25 -17.24 -3.42 -11.98
N ASP A 26 -17.28 -3.73 -13.28
CA ASP A 26 -16.53 -4.85 -13.82
C ASP A 26 -15.05 -4.55 -13.72
N LEU A 27 -14.68 -3.29 -13.95
CA LEU A 27 -13.29 -2.88 -13.88
C LEU A 27 -12.78 -2.96 -12.44
N LYS A 28 -13.58 -2.44 -11.51
CA LYS A 28 -13.21 -2.46 -10.10
C LYS A 28 -13.04 -3.91 -9.62
N ALA A 29 -13.98 -4.76 -10.00
CA ALA A 29 -13.93 -6.17 -9.62
C ALA A 29 -12.68 -6.83 -10.18
N THR A 30 -12.37 -6.49 -11.43
CA THR A 30 -11.20 -7.03 -12.11
C THR A 30 -9.92 -6.56 -11.41
N LEU A 31 -9.85 -5.27 -11.11
CA LEU A 31 -8.69 -4.69 -10.44
C LEU A 31 -8.48 -5.30 -9.06
N ARG A 32 -9.59 -5.60 -8.39
CA ARG A 32 -9.52 -6.19 -7.05
C ARG A 32 -8.95 -7.60 -7.13
N GLU A 33 -9.40 -8.38 -8.11
CA GLU A 33 -8.92 -9.75 -8.27
C GLU A 33 -7.43 -9.74 -8.59
N ILE A 34 -7.00 -8.79 -9.41
CA ILE A 34 -5.59 -8.69 -9.78
C ILE A 34 -4.77 -8.41 -8.52
N ARG A 35 -5.25 -7.48 -7.69
CA ARG A 35 -4.56 -7.14 -6.47
C ARG A 35 -4.49 -8.35 -5.55
N ARG A 36 -5.59 -9.10 -5.48
CA ARG A 36 -5.65 -10.30 -4.66
C ARG A 36 -4.69 -11.37 -5.16
N ALA A 37 -4.59 -11.50 -6.48
CA ALA A 37 -3.71 -12.48 -7.10
C ALA A 37 -2.26 -12.16 -6.73
N LEU A 38 -1.92 -10.88 -6.79
CA LEU A 38 -0.56 -10.45 -6.46
C LEU A 38 -0.27 -10.72 -4.99
N MET A 39 -1.23 -10.38 -4.13
N MET A 39 -1.22 -10.39 -4.13
CA MET A 39 -1.06 -10.59 -2.70
CA MET A 39 -1.06 -10.60 -2.70
C MET A 39 -0.84 -12.07 -2.39
C MET A 39 -0.83 -12.08 -2.39
N ASP A 40 -1.62 -12.94 -3.03
CA ASP A 40 -1.50 -14.38 -2.82
C ASP A 40 -0.19 -14.91 -3.41
N ALA A 41 0.47 -14.10 -4.22
CA ALA A 41 1.73 -14.48 -4.84
C ALA A 41 2.88 -13.91 -4.00
N ASP A 42 2.56 -13.51 -2.77
CA ASP A 42 3.54 -12.95 -1.84
C ASP A 42 4.15 -11.66 -2.35
N VAL A 43 3.37 -10.86 -3.07
CA VAL A 43 3.86 -9.59 -3.57
C VAL A 43 3.65 -8.59 -2.44
N ASN A 44 4.62 -7.72 -2.20
CA ASN A 44 4.52 -6.72 -1.13
C ASN A 44 3.18 -6.00 -1.25
N LEU A 45 2.51 -5.79 -0.11
CA LEU A 45 1.21 -5.13 -0.10
C LEU A 45 1.19 -3.77 -0.77
N GLU A 46 2.16 -2.93 -0.46
CA GLU A 46 2.23 -1.60 -1.05
C GLU A 46 2.43 -1.69 -2.57
N VAL A 47 3.24 -2.67 -2.98
CA VAL A 47 3.51 -2.87 -4.39
C VAL A 47 2.23 -3.31 -5.10
N ALA A 48 1.51 -4.25 -4.50
CA ALA A 48 0.26 -4.74 -5.07
C ALA A 48 -0.74 -3.62 -5.24
N ARG A 49 -0.85 -2.76 -4.22
CA ARG A 49 -1.77 -1.64 -4.25
C ARG A 49 -1.37 -0.61 -5.31
N ASP A 50 -0.08 -0.29 -5.37
CA ASP A 50 0.42 0.67 -6.35
C ASP A 50 0.26 0.13 -7.76
N PHE A 51 0.40 -1.19 -7.90
CA PHE A 51 0.29 -1.86 -9.19
C PHE A 51 -1.11 -1.70 -9.78
N VAL A 52 -2.13 -2.06 -9.01
N VAL A 52 -2.13 -2.06 -9.01
CA VAL A 52 -3.51 -1.96 -9.47
CA VAL A 52 -3.51 -1.96 -9.46
C VAL A 52 -3.93 -0.51 -9.72
C VAL A 52 -3.95 -0.52 -9.70
N GLU A 53 -3.34 0.41 -8.97
CA GLU A 53 -3.66 1.83 -9.11
C GLU A 53 -3.08 2.35 -10.43
N ARG A 54 -1.89 1.86 -10.79
CA ARG A 54 -1.26 2.27 -12.02
C ARG A 54 -2.05 1.73 -13.20
N VAL A 55 -2.45 0.47 -13.10
CA VAL A 55 -3.24 -0.16 -14.16
C VAL A 55 -4.57 0.58 -14.30
N ARG A 56 -5.12 0.99 -13.16
CA ARG A 56 -6.39 1.72 -13.15
C ARG A 56 -6.24 3.02 -13.92
N GLU A 57 -5.20 3.78 -13.57
CA GLU A 57 -4.93 5.06 -14.21
C GLU A 57 -4.72 4.91 -15.71
N GLU A 58 -3.82 4.00 -16.09
CA GLU A 58 -3.52 3.77 -17.50
C GLU A 58 -4.70 3.19 -18.27
N ALA A 59 -5.48 2.34 -17.62
CA ALA A 59 -6.64 1.73 -18.25
C ALA A 59 -7.68 2.80 -18.60
N LEU A 60 -7.94 3.70 -17.65
CA LEU A 60 -8.90 4.77 -17.88
C LEU A 60 -8.31 5.77 -18.85
N GLY A 61 -6.99 5.88 -18.85
CA GLY A 61 -6.31 6.80 -19.75
C GLY A 61 -6.43 6.32 -21.18
N LYS A 62 -6.87 5.07 -21.35
CA LYS A 62 -7.04 4.48 -22.66
C LYS A 62 -8.53 4.22 -22.93
N GLN A 63 -9.38 4.92 -22.20
CA GLN A 63 -10.83 4.80 -22.33
C GLN A 63 -11.30 3.35 -22.33
N VAL A 64 -10.85 2.58 -21.35
CA VAL A 64 -11.23 1.17 -21.24
C VAL A 64 -12.74 1.02 -21.09
N LEU A 65 -13.39 2.01 -20.48
CA LEU A 65 -14.83 1.96 -20.26
C LEU A 65 -15.60 2.22 -21.56
N GLU A 66 -14.88 2.68 -22.58
CA GLU A 66 -15.49 2.98 -23.88
C GLU A 66 -15.14 1.92 -24.91
N SER A 67 -13.99 1.29 -24.73
CA SER A 67 -13.51 0.25 -25.66
C SER A 67 -14.45 -0.93 -25.82
N LEU A 68 -14.52 -1.45 -27.04
CA LEU A 68 -15.37 -2.59 -27.34
C LEU A 68 -14.57 -3.87 -27.08
N THR A 69 -13.28 -3.69 -26.82
CA THR A 69 -12.38 -4.80 -26.52
C THR A 69 -11.58 -4.46 -25.27
N PRO A 70 -12.28 -4.37 -24.12
CA PRO A 70 -11.63 -4.04 -22.83
C PRO A 70 -10.56 -5.03 -22.39
N ALA A 71 -10.72 -6.30 -22.76
CA ALA A 71 -9.75 -7.32 -22.39
C ALA A 71 -8.36 -6.98 -22.93
N GLU A 72 -8.33 -6.37 -24.12
CA GLU A 72 -7.08 -6.00 -24.76
C GLU A 72 -6.40 -4.82 -24.06
N VAL A 73 -7.21 -3.85 -23.64
CA VAL A 73 -6.68 -2.68 -22.95
C VAL A 73 -6.14 -3.08 -21.58
N ILE A 74 -6.84 -3.99 -20.91
CA ILE A 74 -6.41 -4.45 -19.60
C ILE A 74 -5.11 -5.24 -19.73
N LEU A 75 -5.07 -6.12 -20.72
CA LEU A 75 -3.87 -6.94 -20.95
C LEU A 75 -2.68 -6.04 -21.22
N ALA A 76 -2.88 -5.03 -22.06
CA ALA A 76 -1.82 -4.09 -22.42
C ALA A 76 -1.35 -3.27 -21.21
N THR A 77 -2.29 -2.88 -20.35
CA THR A 77 -1.93 -2.09 -19.18
C THR A 77 -1.26 -2.93 -18.10
N VAL A 78 -1.75 -4.16 -17.91
CA VAL A 78 -1.18 -5.06 -16.91
C VAL A 78 0.23 -5.46 -17.37
N TYR A 79 0.39 -5.64 -18.67
CA TYR A 79 1.66 -6.01 -19.26
C TYR A 79 2.72 -4.94 -18.96
N GLU A 80 2.36 -3.68 -19.19
N GLU A 80 2.35 -3.68 -19.18
CA GLU A 80 3.29 -2.59 -18.93
CA GLU A 80 3.26 -2.57 -18.93
C GLU A 80 3.60 -2.48 -17.44
C GLU A 80 3.59 -2.48 -17.45
N ALA A 81 2.57 -2.65 -16.61
CA ALA A 81 2.74 -2.57 -15.16
C ALA A 81 3.65 -3.70 -14.68
N LEU A 82 3.47 -4.90 -15.23
CA LEU A 82 4.29 -6.06 -14.85
C LEU A 82 5.73 -5.79 -15.25
N LYS A 83 5.91 -5.33 -16.49
CA LYS A 83 7.24 -5.03 -17.01
C LYS A 83 7.97 -4.05 -16.11
N GLU A 84 7.31 -2.96 -15.75
CA GLU A 84 7.90 -1.94 -14.89
C GLU A 84 8.19 -2.46 -13.49
N ALA A 85 7.25 -3.20 -12.92
CA ALA A 85 7.43 -3.74 -11.58
C ALA A 85 8.63 -4.68 -11.53
N LEU A 86 8.81 -5.43 -12.62
CA LEU A 86 9.91 -6.40 -12.72
C LEU A 86 11.27 -5.76 -12.98
N GLY A 87 11.29 -4.44 -13.18
CA GLY A 87 12.56 -3.77 -13.44
C GLY A 87 12.57 -2.80 -14.60
N GLY A 88 11.54 -2.86 -15.44
CA GLY A 88 11.47 -1.96 -16.58
C GLY A 88 12.28 -2.48 -17.76
N GLU A 89 13.57 -2.13 -17.78
CA GLU A 89 14.45 -2.55 -18.86
C GLU A 89 15.53 -3.49 -18.33
N ALA A 90 15.90 -4.47 -19.15
CA ALA A 90 16.94 -5.43 -18.77
C ALA A 90 18.21 -4.66 -18.41
N ARG A 91 18.87 -5.08 -17.33
CA ARG A 91 20.09 -4.45 -16.88
C ARG A 91 21.18 -5.46 -16.59
N LEU A 92 22.42 -5.10 -16.92
CA LEU A 92 23.57 -5.98 -16.68
C LEU A 92 24.73 -5.15 -16.14
N PRO A 93 25.60 -5.76 -15.33
CA PRO A 93 26.74 -5.02 -14.76
C PRO A 93 27.63 -4.42 -15.84
N VAL A 94 28.12 -3.21 -15.58
CA VAL A 94 29.00 -2.53 -16.54
C VAL A 94 30.39 -3.18 -16.48
N LEU A 95 30.88 -3.60 -17.63
CA LEU A 95 32.19 -4.24 -17.70
C LEU A 95 33.27 -3.25 -18.12
N LYS A 96 34.39 -3.28 -17.40
CA LYS A 96 35.53 -2.41 -17.69
C LYS A 96 36.73 -3.27 -18.02
N ASP A 97 37.87 -2.64 -18.26
CA ASP A 97 39.10 -3.36 -18.58
C ASP A 97 39.36 -4.39 -17.48
N ARG A 98 39.28 -3.93 -16.23
CA ARG A 98 39.48 -4.78 -15.08
C ARG A 98 38.29 -4.62 -14.14
N ASN A 99 37.76 -5.73 -13.64
CA ASN A 99 36.62 -5.69 -12.75
C ASN A 99 36.79 -6.63 -11.56
N LEU A 100 36.25 -6.23 -10.42
CA LEU A 100 36.30 -7.04 -9.21
C LEU A 100 34.91 -6.97 -8.59
N TRP A 101 34.20 -8.09 -8.61
CA TRP A 101 32.86 -8.15 -8.06
C TRP A 101 32.76 -9.04 -6.83
N PHE A 102 31.85 -8.68 -5.93
CA PHE A 102 31.61 -9.44 -4.71
C PHE A 102 30.31 -10.21 -4.88
N LEU A 103 30.29 -11.43 -4.36
CA LEU A 103 29.09 -12.25 -4.40
C LEU A 103 28.71 -12.47 -2.95
N VAL A 104 27.61 -11.86 -2.52
CA VAL A 104 27.16 -11.99 -1.14
C VAL A 104 25.80 -12.65 -1.06
N GLY A 105 25.46 -13.15 0.13
CA GLY A 105 24.18 -13.80 0.31
C GLY A 105 24.27 -14.83 1.41
N LEU A 106 23.15 -15.45 1.75
CA LEU A 106 23.11 -16.44 2.80
C LEU A 106 23.37 -17.85 2.27
N GLN A 107 23.69 -18.76 3.19
CA GLN A 107 23.93 -20.14 2.82
C GLN A 107 22.62 -20.70 2.28
N GLY A 108 22.70 -21.46 1.20
CA GLY A 108 21.49 -22.04 0.61
C GLY A 108 20.83 -21.12 -0.40
N SER A 109 21.42 -19.95 -0.63
CA SER A 109 20.88 -19.00 -1.58
C SER A 109 21.31 -19.32 -3.01
N GLY A 110 22.33 -20.16 -3.13
CA GLY A 110 22.83 -20.54 -4.44
C GLY A 110 24.03 -19.68 -4.79
N LYS A 111 24.47 -18.89 -3.83
CA LYS A 111 25.60 -17.97 -4.00
C LYS A 111 26.85 -18.60 -4.64
N THR A 112 27.36 -19.65 -4.01
CA THR A 112 28.57 -20.32 -4.51
C THR A 112 28.39 -20.89 -5.92
N THR A 113 27.29 -21.62 -6.13
N THR A 113 27.29 -21.62 -6.13
CA THR A 113 27.01 -22.20 -7.43
CA THR A 113 27.02 -22.20 -7.44
C THR A 113 26.85 -21.10 -8.48
C THR A 113 26.85 -21.10 -8.47
N THR A 114 26.22 -20.00 -8.07
CA THR A 114 26.00 -18.87 -8.97
C THR A 114 27.33 -18.23 -9.32
N ALA A 115 28.25 -18.19 -8.36
CA ALA A 115 29.57 -17.61 -8.59
C ALA A 115 30.26 -18.33 -9.73
N ALA A 116 30.14 -19.66 -9.75
CA ALA A 116 30.75 -20.48 -10.78
C ALA A 116 30.01 -20.30 -12.10
N LYS A 117 28.68 -20.22 -12.02
CA LYS A 117 27.85 -20.04 -13.22
C LYS A 117 28.17 -18.71 -13.87
N LEU A 118 28.38 -17.70 -13.03
CA LEU A 118 28.70 -16.35 -13.51
C LEU A 118 30.03 -16.34 -14.24
N ALA A 119 31.01 -17.06 -13.70
CA ALA A 119 32.33 -17.15 -14.30
C ALA A 119 32.24 -17.74 -15.70
N LEU A 120 31.50 -18.85 -15.82
CA LEU A 120 31.33 -19.52 -17.09
C LEU A 120 30.62 -18.63 -18.10
N TYR A 121 29.56 -17.96 -17.65
CA TYR A 121 28.80 -17.07 -18.52
C TYR A 121 29.68 -16.01 -19.15
N TYR A 122 30.48 -15.32 -18.34
CA TYR A 122 31.35 -14.27 -18.85
C TYR A 122 32.56 -14.84 -19.59
N LYS A 123 32.91 -16.08 -19.28
CA LYS A 123 34.02 -16.74 -19.95
C LYS A 123 33.62 -16.93 -21.40
N GLY A 124 32.35 -17.28 -21.62
CA GLY A 124 31.85 -17.49 -22.96
C GLY A 124 31.63 -16.17 -23.66
N LYS A 125 31.83 -15.07 -22.93
CA LYS A 125 31.65 -13.73 -23.49
C LYS A 125 33.00 -13.11 -23.83
N GLY A 126 34.06 -13.91 -23.74
CA GLY A 126 35.39 -13.42 -24.06
C GLY A 126 36.18 -12.90 -22.87
N ARG A 127 35.63 -13.05 -21.67
CA ARG A 127 36.30 -12.59 -20.46
C ARG A 127 37.18 -13.66 -19.84
N ARG A 128 38.16 -13.23 -19.05
CA ARG A 128 39.07 -14.15 -18.37
C ARG A 128 38.86 -13.98 -16.86
N PRO A 129 37.85 -14.67 -16.31
CA PRO A 129 37.53 -14.61 -14.88
C PRO A 129 38.42 -15.41 -13.94
N LEU A 130 38.44 -14.98 -12.68
CA LEU A 130 39.20 -15.63 -11.64
C LEU A 130 38.28 -15.72 -10.43
N LEU A 131 37.99 -16.95 -10.00
CA LEU A 131 37.13 -17.15 -8.85
C LEU A 131 37.94 -17.09 -7.56
N VAL A 132 37.38 -16.46 -6.54
CA VAL A 132 38.05 -16.34 -5.26
C VAL A 132 37.17 -16.84 -4.11
N ALA A 133 37.64 -17.89 -3.42
CA ALA A 133 36.92 -18.45 -2.28
C ALA A 133 37.40 -17.65 -1.06
N ALA A 134 36.59 -16.68 -0.65
CA ALA A 134 36.95 -15.80 0.46
C ALA A 134 36.52 -16.19 1.87
N ASP A 135 35.94 -17.38 2.06
CA ASP A 135 35.53 -17.81 3.39
C ASP A 135 36.77 -18.25 4.18
N THR A 136 37.26 -17.37 5.05
CA THR A 136 38.45 -17.67 5.84
C THR A 136 38.18 -18.53 7.08
N GLN A 137 36.98 -19.09 7.18
CA GLN A 137 36.64 -19.91 8.33
C GLN A 137 36.17 -21.31 7.96
N ARG A 138 35.71 -21.47 6.72
CA ARG A 138 35.22 -22.77 6.26
C ARG A 138 36.00 -23.30 5.07
N PRO A 139 37.00 -24.16 5.32
CA PRO A 139 37.80 -24.73 4.23
C PRO A 139 36.94 -25.52 3.25
N ALA A 140 35.97 -26.25 3.77
CA ALA A 140 35.08 -27.05 2.93
C ALA A 140 34.28 -26.17 1.99
N ALA A 141 33.95 -24.96 2.45
CA ALA A 141 33.20 -24.02 1.63
C ALA A 141 34.06 -23.58 0.45
N ARG A 142 35.34 -23.37 0.72
CA ARG A 142 36.29 -22.95 -0.30
C ARG A 142 36.53 -24.07 -1.31
N GLU A 143 36.61 -25.30 -0.80
CA GLU A 143 36.84 -26.46 -1.67
C GLU A 143 35.66 -26.66 -2.61
N GLN A 144 34.46 -26.34 -2.14
CA GLN A 144 33.26 -26.49 -2.95
C GLN A 144 33.35 -25.62 -4.19
N LEU A 145 33.83 -24.38 -4.02
CA LEU A 145 33.96 -23.46 -5.14
C LEU A 145 35.08 -23.88 -6.09
N ARG A 146 36.20 -24.34 -5.53
CA ARG A 146 37.33 -24.78 -6.36
C ARG A 146 36.87 -25.86 -7.31
N LEU A 147 36.12 -26.83 -6.78
CA LEU A 147 35.61 -27.94 -7.58
C LEU A 147 34.64 -27.43 -8.65
N LEU A 148 33.70 -26.57 -8.24
CA LEU A 148 32.72 -26.02 -9.16
C LEU A 148 33.36 -25.14 -10.23
N GLY A 149 34.35 -24.36 -9.82
CA GLY A 149 35.04 -23.48 -10.75
C GLY A 149 35.91 -24.21 -11.75
N GLU A 150 36.80 -25.06 -11.24
CA GLU A 150 37.69 -25.83 -12.09
C GLU A 150 36.90 -26.71 -13.05
N LYS A 151 35.71 -27.12 -12.62
CA LYS A 151 34.85 -27.95 -13.43
C LYS A 151 34.37 -27.21 -14.68
N VAL A 152 34.23 -25.89 -14.57
CA VAL A 152 33.78 -25.08 -15.70
C VAL A 152 34.96 -24.43 -16.42
N GLY A 153 36.17 -24.85 -16.06
CA GLY A 153 37.36 -24.31 -16.70
C GLY A 153 37.79 -22.94 -16.24
N VAL A 154 37.45 -22.59 -15.00
CA VAL A 154 37.81 -21.29 -14.45
C VAL A 154 38.73 -21.46 -13.24
N PRO A 155 39.85 -20.72 -13.21
CA PRO A 155 40.79 -20.81 -12.09
C PRO A 155 40.18 -20.30 -10.78
N VAL A 156 40.56 -20.91 -9.67
CA VAL A 156 40.04 -20.53 -8.36
C VAL A 156 41.14 -20.31 -7.34
N LEU A 157 41.12 -19.15 -6.68
CA LEU A 157 42.09 -18.84 -5.64
C LEU A 157 41.40 -18.98 -4.30
N GLU A 158 41.95 -19.82 -3.44
CA GLU A 158 41.38 -20.05 -2.12
C GLU A 158 42.14 -19.25 -1.07
N VAL A 159 41.41 -18.56 -0.21
CA VAL A 159 42.05 -17.79 0.85
C VAL A 159 42.42 -18.77 1.95
N MET A 160 43.34 -18.37 2.82
CA MET A 160 43.78 -19.23 3.91
C MET A 160 43.01 -18.91 5.18
N ASP A 161 42.93 -19.89 6.08
CA ASP A 161 42.22 -19.70 7.34
C ASP A 161 42.74 -18.49 8.09
N GLY A 162 41.84 -17.56 8.41
CA GLY A 162 42.23 -16.37 9.12
C GLY A 162 43.09 -15.38 8.35
N GLU A 163 43.15 -15.54 7.03
CA GLU A 163 43.95 -14.63 6.21
C GLU A 163 43.34 -13.23 6.24
N SER A 164 44.20 -12.23 6.37
CA SER A 164 43.77 -10.84 6.41
C SER A 164 43.36 -10.29 5.05
N PRO A 165 42.47 -9.29 5.03
CA PRO A 165 41.99 -8.67 3.79
C PRO A 165 43.13 -8.13 2.92
N GLU A 166 44.16 -7.58 3.57
CA GLU A 166 45.30 -7.02 2.87
C GLU A 166 46.07 -8.13 2.16
N SER A 167 46.19 -9.28 2.82
CA SER A 167 46.89 -10.42 2.27
C SER A 167 46.10 -11.00 1.09
N ILE A 168 44.78 -11.04 1.24
CA ILE A 168 43.92 -11.55 0.20
C ILE A 168 44.04 -10.67 -1.05
N ARG A 169 44.02 -9.36 -0.84
CA ARG A 169 44.14 -8.41 -1.95
C ARG A 169 45.43 -8.64 -2.72
N ARG A 170 46.53 -8.77 -1.99
CA ARG A 170 47.84 -8.99 -2.60
C ARG A 170 47.88 -10.23 -3.48
N ARG A 171 47.54 -11.39 -2.90
CA ARG A 171 47.54 -12.65 -3.62
C ARG A 171 46.60 -12.64 -4.83
N VAL A 172 45.40 -12.08 -4.64
CA VAL A 172 44.43 -12.01 -5.73
C VAL A 172 44.98 -11.12 -6.84
N GLU A 173 45.52 -9.97 -6.46
CA GLU A 173 46.07 -9.01 -7.41
C GLU A 173 47.21 -9.64 -8.23
N GLU A 174 48.05 -10.43 -7.57
CA GLU A 174 49.17 -11.08 -8.25
C GLU A 174 48.69 -12.13 -9.24
N LYS A 175 47.88 -13.08 -8.76
CA LYS A 175 47.37 -14.14 -9.62
C LYS A 175 46.63 -13.56 -10.83
N ALA A 176 45.95 -12.45 -10.61
CA ALA A 176 45.20 -11.79 -11.68
C ALA A 176 46.16 -11.20 -12.70
N ARG A 177 47.24 -10.61 -12.21
CA ARG A 177 48.24 -9.99 -13.09
C ARG A 177 49.04 -11.03 -13.87
N LEU A 178 49.42 -12.10 -13.19
CA LEU A 178 50.21 -13.15 -13.84
C LEU A 178 49.40 -13.92 -14.87
N GLU A 179 48.14 -14.23 -14.55
CA GLU A 179 47.27 -14.97 -15.46
C GLU A 179 46.40 -14.05 -16.30
N ALA A 180 46.65 -12.76 -16.22
CA ALA A 180 45.89 -11.77 -16.98
C ALA A 180 44.38 -11.99 -16.91
N ARG A 181 43.84 -11.95 -15.70
CA ARG A 181 42.40 -12.12 -15.48
C ARG A 181 41.78 -10.74 -15.49
N ASP A 182 40.66 -10.59 -16.20
CA ASP A 182 39.99 -9.29 -16.28
C ASP A 182 38.71 -9.18 -15.45
N LEU A 183 38.26 -10.31 -14.91
CA LEU A 183 37.05 -10.32 -14.09
C LEU A 183 37.21 -11.19 -12.85
N ILE A 184 37.43 -10.54 -11.71
CA ILE A 184 37.60 -11.26 -10.45
C ILE A 184 36.26 -11.36 -9.72
N LEU A 185 35.86 -12.59 -9.42
CA LEU A 185 34.60 -12.83 -8.73
C LEU A 185 34.88 -13.39 -7.33
N VAL A 186 34.63 -12.57 -6.31
CA VAL A 186 34.86 -12.97 -4.93
C VAL A 186 33.63 -13.57 -4.26
N ASP A 187 33.70 -14.87 -3.97
CA ASP A 187 32.60 -15.56 -3.30
C ASP A 187 32.83 -15.42 -1.79
N THR A 188 32.04 -14.57 -1.15
CA THR A 188 32.18 -14.33 0.28
C THR A 188 31.49 -15.38 1.13
N ALA A 189 31.86 -15.43 2.41
CA ALA A 189 31.30 -16.39 3.35
C ALA A 189 29.78 -16.35 3.40
N GLY A 190 29.17 -17.54 3.41
CA GLY A 190 27.72 -17.64 3.47
C GLY A 190 27.26 -18.41 4.70
N ARG A 191 26.38 -17.78 5.48
CA ARG A 191 25.85 -18.41 6.69
C ARG A 191 24.34 -18.56 6.57
N LEU A 192 23.76 -19.48 7.35
CA LEU A 192 22.32 -19.74 7.31
C LEU A 192 21.48 -18.52 7.70
N GLN A 193 22.06 -17.65 8.51
CA GLN A 193 21.36 -16.45 8.95
C GLN A 193 22.32 -15.27 8.98
N ILE A 194 21.76 -14.07 9.09
CA ILE A 194 22.59 -12.87 9.14
C ILE A 194 23.14 -12.66 10.54
N ASP A 195 24.46 -12.58 10.65
CA ASP A 195 25.11 -12.36 11.94
C ASP A 195 26.06 -11.17 11.85
N GLU A 196 25.93 -10.26 12.80
CA GLU A 196 26.75 -9.05 12.84
C GLU A 196 28.23 -9.29 12.52
N PRO A 197 28.86 -10.29 13.17
CA PRO A 197 30.27 -10.58 12.91
C PRO A 197 30.63 -10.71 11.44
N LEU A 198 29.88 -11.53 10.71
CA LEU A 198 30.13 -11.74 9.29
C LEU A 198 29.93 -10.45 8.49
N MET A 199 28.90 -9.68 8.84
CA MET A 199 28.62 -8.42 8.15
C MET A 199 29.78 -7.46 8.31
N GLY A 200 30.41 -7.46 9.49
CA GLY A 200 31.54 -6.60 9.73
C GLY A 200 32.73 -7.00 8.89
N GLU A 201 32.92 -8.31 8.76
CA GLU A 201 34.02 -8.86 7.96
C GLU A 201 33.80 -8.52 6.49
N LEU A 202 32.55 -8.62 6.04
CA LEU A 202 32.20 -8.33 4.66
C LEU A 202 32.46 -6.86 4.36
N ALA A 203 32.02 -5.99 5.27
CA ALA A 203 32.19 -4.56 5.12
C ALA A 203 33.67 -4.22 5.01
N ARG A 204 34.49 -4.88 5.83
CA ARG A 204 35.93 -4.64 5.83
C ARG A 204 36.58 -5.14 4.55
N LEU A 205 36.17 -6.32 4.09
CA LEU A 205 36.72 -6.88 2.86
C LEU A 205 36.39 -5.97 1.70
N LYS A 206 35.19 -5.38 1.74
CA LYS A 206 34.74 -4.48 0.69
C LYS A 206 35.62 -3.23 0.65
N GLU A 207 36.01 -2.76 1.83
CA GLU A 207 36.85 -1.57 1.94
C GLU A 207 38.24 -1.78 1.36
N VAL A 208 38.80 -2.96 1.61
CA VAL A 208 40.15 -3.27 1.13
C VAL A 208 40.21 -3.68 -0.34
N LEU A 209 39.23 -4.46 -0.80
CA LEU A 209 39.23 -4.91 -2.19
C LEU A 209 38.57 -3.91 -3.14
N GLY A 210 37.69 -3.08 -2.61
CA GLY A 210 37.01 -2.08 -3.43
C GLY A 210 36.33 -2.63 -4.67
N PRO A 211 35.39 -3.58 -4.52
CA PRO A 211 34.71 -4.13 -5.69
C PRO A 211 33.87 -3.07 -6.39
N ASP A 212 33.76 -3.17 -7.71
CA ASP A 212 32.97 -2.20 -8.47
C ASP A 212 31.50 -2.62 -8.47
N GLU A 213 31.25 -3.85 -8.04
CA GLU A 213 29.89 -4.38 -7.97
C GLU A 213 29.78 -5.39 -6.83
N VAL A 214 28.64 -5.39 -6.16
CA VAL A 214 28.38 -6.32 -5.07
C VAL A 214 27.04 -6.96 -5.38
N LEU A 215 27.09 -8.17 -5.93
CA LEU A 215 25.88 -8.89 -6.29
C LEU A 215 25.36 -9.73 -5.15
N LEU A 216 24.11 -9.48 -4.77
CA LEU A 216 23.48 -10.22 -3.69
C LEU A 216 22.65 -11.34 -4.29
N VAL A 217 23.01 -12.58 -3.99
CA VAL A 217 22.29 -13.74 -4.50
C VAL A 217 21.19 -14.10 -3.52
N LEU A 218 19.97 -14.26 -4.02
CA LEU A 218 18.83 -14.58 -3.19
C LEU A 218 17.99 -15.72 -3.75
N ASP A 219 17.50 -16.58 -2.86
CA ASP A 219 16.66 -17.70 -3.25
C ASP A 219 15.25 -17.14 -3.44
N ALA A 220 14.86 -16.98 -4.70
CA ALA A 220 13.55 -16.45 -5.06
C ALA A 220 12.40 -17.15 -4.36
N MET A 221 12.62 -18.42 -3.99
CA MET A 221 11.58 -19.20 -3.34
C MET A 221 11.25 -18.71 -1.92
N THR A 222 12.10 -17.86 -1.36
CA THR A 222 11.88 -17.34 -0.02
C THR A 222 10.92 -16.16 -0.04
N GLY A 223 10.43 -15.81 -1.21
CA GLY A 223 9.48 -14.72 -1.34
C GLY A 223 9.95 -13.39 -0.77
N GLN A 224 9.09 -12.74 0.01
CA GLN A 224 9.39 -11.45 0.60
C GLN A 224 10.55 -11.50 1.59
N GLU A 225 10.86 -12.70 2.09
CA GLU A 225 11.96 -12.84 3.04
C GLU A 225 13.25 -12.38 2.34
N ALA A 226 13.33 -12.66 1.04
CA ALA A 226 14.49 -12.27 0.26
C ALA A 226 14.71 -10.75 0.28
N LEU A 227 13.61 -10.00 0.28
CA LEU A 227 13.67 -8.55 0.31
C LEU A 227 14.19 -8.06 1.65
N SER A 228 13.88 -8.82 2.70
CA SER A 228 14.34 -8.49 4.05
C SER A 228 15.84 -8.68 4.10
N VAL A 229 16.31 -9.77 3.51
CA VAL A 229 17.74 -10.07 3.47
C VAL A 229 18.45 -8.98 2.69
N ALA A 230 17.86 -8.59 1.56
CA ALA A 230 18.43 -7.54 0.71
C ALA A 230 18.64 -6.25 1.47
N ARG A 231 17.65 -5.88 2.29
CA ARG A 231 17.75 -4.66 3.08
C ARG A 231 18.90 -4.74 4.06
N ALA A 232 18.97 -5.84 4.80
CA ALA A 232 20.03 -6.04 5.77
C ALA A 232 21.42 -5.96 5.12
N PHE A 233 21.60 -6.67 4.02
CA PHE A 233 22.87 -6.67 3.32
C PHE A 233 23.22 -5.30 2.74
N ASP A 234 22.22 -4.58 2.24
CA ASP A 234 22.46 -3.25 1.68
C ASP A 234 22.80 -2.23 2.75
N GLU A 235 22.16 -2.36 3.91
CA GLU A 235 22.39 -1.43 5.00
C GLU A 235 23.73 -1.66 5.70
N LYS A 236 24.13 -2.92 5.80
CA LYS A 236 25.38 -3.29 6.47
C LYS A 236 26.60 -3.43 5.56
N VAL A 237 26.38 -3.74 4.29
CA VAL A 237 27.49 -3.91 3.36
C VAL A 237 27.41 -2.99 2.14
N GLY A 238 26.22 -2.90 1.55
CA GLY A 238 26.05 -2.06 0.37
C GLY A 238 26.09 -2.91 -0.89
N VAL A 239 24.92 -3.16 -1.47
CA VAL A 239 24.82 -3.96 -2.69
C VAL A 239 24.50 -3.09 -3.89
N THR A 240 24.83 -3.59 -5.08
CA THR A 240 24.58 -2.85 -6.32
C THR A 240 23.57 -3.56 -7.23
N GLY A 241 23.50 -4.88 -7.12
CA GLY A 241 22.56 -5.63 -7.94
C GLY A 241 22.18 -6.95 -7.30
N LEU A 242 21.12 -7.57 -7.80
CA LEU A 242 20.66 -8.83 -7.26
C LEU A 242 20.65 -9.96 -8.29
N VAL A 243 20.67 -11.18 -7.77
CA VAL A 243 20.63 -12.38 -8.58
C VAL A 243 19.60 -13.28 -7.91
N LEU A 244 18.50 -13.54 -8.61
CA LEU A 244 17.45 -14.39 -8.07
C LEU A 244 17.60 -15.82 -8.57
N THR A 245 17.86 -16.73 -7.65
CA THR A 245 18.04 -18.13 -8.00
C THR A 245 16.80 -18.95 -7.75
N LYS A 246 16.75 -20.12 -8.36
CA LYS A 246 15.62 -21.04 -8.23
C LYS A 246 14.32 -20.45 -8.74
N LEU A 247 14.40 -19.63 -9.79
CA LEU A 247 13.21 -19.03 -10.36
C LEU A 247 12.34 -20.15 -10.94
N ASP A 248 12.96 -21.31 -11.11
CA ASP A 248 12.28 -22.48 -11.64
C ASP A 248 11.68 -23.26 -10.48
N GLY A 249 11.89 -22.76 -9.27
CA GLY A 249 11.38 -23.41 -8.08
C GLY A 249 9.88 -23.24 -7.92
N ASP A 250 9.21 -24.33 -7.52
CA ASP A 250 7.78 -24.32 -7.31
C ASP A 250 7.40 -23.44 -6.13
N ALA A 251 7.22 -22.15 -6.39
CA ALA A 251 6.86 -21.20 -5.35
C ALA A 251 6.28 -19.93 -5.96
N ARG A 252 5.69 -19.08 -5.11
CA ARG A 252 5.11 -17.82 -5.56
C ARG A 252 6.22 -16.92 -6.08
N GLY A 253 5.88 -16.01 -7.00
CA GLY A 253 6.88 -15.12 -7.56
C GLY A 253 6.84 -13.69 -7.08
N GLY A 254 6.52 -13.49 -5.80
CA GLY A 254 6.43 -12.16 -5.25
C GLY A 254 7.75 -11.40 -5.11
N ALA A 255 8.85 -12.12 -4.92
CA ALA A 255 10.16 -11.48 -4.77
C ALA A 255 10.56 -10.65 -5.97
N ALA A 256 10.51 -11.25 -7.16
CA ALA A 256 10.89 -10.56 -8.39
C ALA A 256 9.99 -9.36 -8.70
N LEU A 257 8.72 -9.48 -8.34
CA LEU A 257 7.77 -8.40 -8.60
C LEU A 257 7.83 -7.25 -7.60
N SER A 258 8.52 -7.46 -6.48
CA SER A 258 8.62 -6.43 -5.45
C SER A 258 10.02 -5.82 -5.30
N ALA A 259 11.03 -6.51 -5.83
CA ALA A 259 12.42 -6.07 -5.73
C ALA A 259 12.69 -4.60 -6.06
N ARG A 260 12.29 -4.16 -7.25
CA ARG A 260 12.53 -2.77 -7.66
C ARG A 260 11.92 -1.78 -6.68
N HIS A 261 10.65 -1.97 -6.37
CA HIS A 261 9.92 -1.09 -5.47
C HIS A 261 10.50 -1.10 -4.05
N VAL A 262 10.67 -2.29 -3.50
CA VAL A 262 11.19 -2.45 -2.13
C VAL A 262 12.67 -2.18 -1.91
N THR A 263 13.52 -2.70 -2.79
CA THR A 263 14.97 -2.53 -2.63
C THR A 263 15.61 -1.43 -3.49
N GLY A 264 15.02 -1.17 -4.66
CA GLY A 264 15.58 -0.16 -5.54
C GLY A 264 16.82 -0.68 -6.24
N LYS A 265 17.07 -1.97 -6.14
CA LYS A 265 18.22 -2.60 -6.77
C LYS A 265 17.77 -3.38 -8.00
N PRO A 266 18.56 -3.32 -9.08
CA PRO A 266 18.19 -4.05 -10.30
C PRO A 266 18.51 -5.53 -10.21
N ILE A 267 17.74 -6.35 -10.90
CA ILE A 267 17.97 -7.79 -10.93
C ILE A 267 18.77 -8.08 -12.19
N TYR A 268 20.07 -8.35 -12.02
CA TYR A 268 20.97 -8.62 -13.14
C TYR A 268 20.77 -10.00 -13.77
N PHE A 269 20.85 -11.04 -12.96
CA PHE A 269 20.71 -12.40 -13.46
C PHE A 269 19.65 -13.22 -12.73
N ALA A 270 19.27 -14.34 -13.34
CA ALA A 270 18.28 -15.23 -12.77
C ALA A 270 18.75 -16.68 -12.88
N GLY A 271 18.56 -17.44 -11.81
CA GLY A 271 18.93 -18.84 -11.80
C GLY A 271 17.74 -19.66 -12.24
N VAL A 272 17.87 -20.39 -13.34
CA VAL A 272 16.77 -21.20 -13.85
C VAL A 272 16.96 -22.71 -13.74
N SER A 273 18.09 -23.14 -13.19
CA SER A 273 18.36 -24.57 -13.03
C SER A 273 19.64 -24.82 -12.26
N GLU A 274 19.90 -26.10 -11.97
CA GLU A 274 21.09 -26.50 -11.22
C GLU A 274 22.32 -26.62 -12.11
N LYS A 275 22.10 -26.92 -13.40
CA LYS A 275 23.20 -27.07 -14.34
C LYS A 275 24.02 -25.78 -14.45
N PRO A 276 25.33 -25.91 -14.70
CA PRO A 276 26.24 -24.76 -14.82
C PRO A 276 25.72 -23.65 -15.74
N GLU A 277 24.99 -24.05 -16.79
CA GLU A 277 24.44 -23.09 -17.73
C GLU A 277 23.03 -22.67 -17.31
N GLY A 278 22.71 -22.90 -16.04
CA GLY A 278 21.39 -22.54 -15.54
C GLY A 278 21.30 -21.10 -15.06
N LEU A 279 22.05 -20.22 -15.72
CA LEU A 279 22.03 -18.80 -15.36
C LEU A 279 21.93 -17.96 -16.63
N GLU A 280 21.03 -16.98 -16.60
CA GLU A 280 20.83 -16.11 -17.75
C GLU A 280 20.44 -14.70 -17.30
N PRO A 281 20.66 -13.70 -18.18
CA PRO A 281 20.31 -12.32 -17.82
C PRO A 281 18.81 -12.23 -17.51
N PHE A 282 18.45 -11.31 -16.62
CA PHE A 282 17.06 -11.10 -16.25
C PHE A 282 16.40 -10.15 -17.24
N TYR A 283 15.33 -10.60 -17.88
CA TYR A 283 14.62 -9.77 -18.85
C TYR A 283 13.21 -9.45 -18.34
N PRO A 284 13.02 -8.25 -17.78
CA PRO A 284 11.72 -7.82 -17.25
C PRO A 284 10.56 -7.96 -18.25
N GLU A 285 10.75 -7.42 -19.44
CA GLU A 285 9.73 -7.48 -20.48
C GLU A 285 9.35 -8.90 -20.87
N ARG A 286 10.36 -9.76 -21.06
CA ARG A 286 10.12 -11.14 -21.45
C ARG A 286 9.36 -11.92 -20.38
N LEU A 287 9.72 -11.68 -19.12
CA LEU A 287 9.06 -12.37 -18.01
C LEU A 287 7.61 -11.91 -17.91
N ALA A 288 7.39 -10.62 -18.12
CA ALA A 288 6.04 -10.05 -18.06
C ALA A 288 5.15 -10.75 -19.08
N GLY A 289 5.69 -10.97 -20.28
CA GLY A 289 4.92 -11.64 -21.32
C GLY A 289 4.61 -13.08 -20.97
N ARG A 290 5.59 -13.79 -20.42
CA ARG A 290 5.41 -15.18 -20.05
C ARG A 290 4.31 -15.34 -19.00
N ILE A 291 4.30 -14.43 -18.03
CA ILE A 291 3.29 -14.47 -16.97
C ILE A 291 1.89 -14.30 -17.52
N LEU A 292 1.77 -13.53 -18.60
CA LEU A 292 0.47 -13.28 -19.22
C LEU A 292 0.18 -14.26 -20.36
N GLY A 293 1.00 -15.31 -20.45
CA GLY A 293 0.80 -16.31 -21.49
C GLY A 293 0.94 -15.79 -22.91
N MET A 294 1.95 -14.97 -23.16
CA MET A 294 2.19 -14.42 -24.49
C MET A 294 3.26 -15.22 -25.24
N GLY A 295 3.94 -16.11 -24.53
CA GLY A 295 4.98 -16.92 -25.15
C GLY A 295 6.22 -16.12 -25.48
N MET B 1 -4.83 13.51 12.26
CA MET B 1 -4.70 12.73 13.53
C MET B 1 -4.23 11.31 13.24
N PHE B 2 -4.43 10.42 14.21
CA PHE B 2 -4.04 9.02 14.10
C PHE B 2 -2.53 8.84 14.14
N GLN B 3 -1.81 9.94 14.33
CA GLN B 3 -0.34 9.90 14.39
C GLN B 3 0.15 8.89 15.43
N GLN B 4 -0.41 8.99 16.64
CA GLN B 4 -0.04 8.10 17.73
C GLN B 4 -0.39 6.65 17.40
N LEU B 5 -1.64 6.42 17.00
CA LEU B 5 -2.08 5.07 16.66
C LEU B 5 -1.26 4.49 15.52
N SER B 6 -1.02 5.31 14.50
CA SER B 6 -0.24 4.88 13.35
C SER B 6 1.16 4.45 13.77
N ALA B 7 1.78 5.22 14.66
CA ALA B 7 3.11 4.90 15.14
C ALA B 7 3.13 3.58 15.90
N ARG B 8 2.16 3.40 16.79
CA ARG B 8 2.07 2.19 17.60
C ARG B 8 1.78 0.93 16.81
N LEU B 9 0.91 1.03 15.81
CA LEU B 9 0.56 -0.12 14.99
C LEU B 9 1.76 -0.52 14.13
N GLN B 10 2.44 0.47 13.56
CA GLN B 10 3.61 0.21 12.73
C GLN B 10 4.74 -0.41 13.55
N GLU B 11 4.87 0.06 14.80
CA GLU B 11 5.92 -0.45 15.69
C GLU B 11 5.64 -1.91 16.04
N ALA B 12 4.37 -2.21 16.28
CA ALA B 12 3.96 -3.57 16.64
C ALA B 12 4.26 -4.54 15.50
N ILE B 13 3.95 -4.12 14.28
CA ILE B 13 4.19 -4.94 13.10
C ILE B 13 5.70 -5.06 12.85
N GLY B 14 6.42 -3.98 13.08
CA GLY B 14 7.86 -3.98 12.87
C GLY B 14 8.62 -4.92 13.79
N ARG B 15 8.13 -5.09 15.01
CA ARG B 15 8.79 -5.96 15.98
C ARG B 15 8.82 -7.41 15.52
N LEU B 16 8.04 -7.73 14.49
CA LEU B 16 8.00 -9.09 13.96
C LEU B 16 8.99 -9.33 12.83
N ARG B 17 9.59 -8.26 12.32
CA ARG B 17 10.55 -8.35 11.22
C ARG B 17 11.91 -8.90 11.63
N GLY B 18 12.60 -9.51 10.67
CA GLY B 18 13.92 -10.05 10.92
C GLY B 18 14.03 -11.01 12.09
N ARG B 19 13.07 -11.93 12.19
CA ARG B 19 13.06 -12.91 13.28
C ARG B 19 12.68 -14.29 12.78
N GLY B 20 12.49 -14.41 11.46
CA GLY B 20 12.11 -15.68 10.89
C GLY B 20 10.68 -16.01 11.28
N ARG B 21 10.34 -17.30 11.29
CA ARG B 21 8.99 -17.72 11.65
C ARG B 21 8.74 -17.42 13.12
N ILE B 22 7.50 -17.09 13.46
CA ILE B 22 7.15 -16.78 14.84
C ILE B 22 6.32 -17.90 15.45
N THR B 23 6.20 -17.89 16.78
CA THR B 23 5.44 -18.89 17.49
C THR B 23 4.07 -18.36 17.89
N GLU B 24 3.22 -19.25 18.40
CA GLU B 24 1.89 -18.87 18.84
C GLU B 24 1.97 -17.78 19.90
N GLU B 25 2.99 -17.87 20.75
CA GLU B 25 3.19 -16.89 21.81
C GLU B 25 3.54 -15.53 21.22
N ASP B 26 4.34 -15.54 20.17
CA ASP B 26 4.75 -14.31 19.50
C ASP B 26 3.51 -13.62 18.93
N LEU B 27 2.66 -14.42 18.31
CA LEU B 27 1.42 -13.90 17.71
C LEU B 27 0.55 -13.26 18.79
N LYS B 28 0.35 -13.99 19.89
CA LYS B 28 -0.47 -13.49 20.99
C LYS B 28 0.05 -12.14 21.50
N ALA B 29 1.36 -12.03 21.63
CA ALA B 29 1.97 -10.78 22.10
C ALA B 29 1.65 -9.64 21.15
N THR B 30 1.72 -9.90 19.84
CA THR B 30 1.45 -8.89 18.83
C THR B 30 -0.01 -8.46 18.87
N LEU B 31 -0.90 -9.43 19.00
CA LEU B 31 -2.32 -9.15 19.06
C LEU B 31 -2.65 -8.30 20.28
N ARG B 32 -1.94 -8.55 21.38
CA ARG B 32 -2.14 -7.80 22.61
C ARG B 32 -1.67 -6.36 22.43
N GLU B 33 -0.54 -6.20 21.75
CA GLU B 33 0.03 -4.87 21.51
C GLU B 33 -0.90 -4.07 20.61
N ILE B 34 -1.54 -4.75 19.66
CA ILE B 34 -2.47 -4.09 18.74
C ILE B 34 -3.70 -3.61 19.50
N ARG B 35 -4.21 -4.46 20.39
CA ARG B 35 -5.38 -4.10 21.19
C ARG B 35 -5.09 -2.90 22.06
N ARG B 36 -3.90 -2.89 22.66
CA ARG B 36 -3.50 -1.79 23.53
C ARG B 36 -3.36 -0.48 22.73
N ALA B 37 -2.85 -0.58 21.51
CA ALA B 37 -2.68 0.58 20.65
C ALA B 37 -4.04 1.20 20.34
N LEU B 38 -5.02 0.36 20.04
CA LEU B 38 -6.36 0.83 19.71
C LEU B 38 -7.00 1.51 20.92
N MET B 39 -7.02 0.81 22.04
CA MET B 39 -7.61 1.34 23.26
C MET B 39 -6.94 2.64 23.69
N ASP B 40 -5.65 2.73 23.44
CA ASP B 40 -4.89 3.93 23.79
C ASP B 40 -5.33 5.08 22.89
N ALA B 41 -5.82 4.74 21.70
CA ALA B 41 -6.29 5.72 20.74
C ALA B 41 -7.73 6.10 21.02
N ASP B 42 -8.23 5.66 22.17
CA ASP B 42 -9.61 5.94 22.60
C ASP B 42 -10.66 5.03 22.01
N VAL B 43 -10.27 3.81 21.62
CA VAL B 43 -11.23 2.85 21.08
C VAL B 43 -11.77 2.03 22.25
N ASN B 44 -13.09 1.87 22.30
CA ASN B 44 -13.72 1.12 23.38
C ASN B 44 -13.24 -0.33 23.42
N LEU B 45 -13.38 -0.97 24.58
CA LEU B 45 -12.94 -2.34 24.77
C LEU B 45 -13.56 -3.32 23.77
N GLU B 46 -14.88 -3.30 23.64
CA GLU B 46 -15.57 -4.21 22.72
C GLU B 46 -15.07 -4.07 21.29
N VAL B 47 -15.03 -2.84 20.79
CA VAL B 47 -14.58 -2.57 19.43
C VAL B 47 -13.15 -3.07 19.24
N ALA B 48 -12.27 -2.74 20.18
CA ALA B 48 -10.87 -3.16 20.11
C ALA B 48 -10.74 -4.67 20.16
N ARG B 49 -11.58 -5.33 20.95
CA ARG B 49 -11.53 -6.77 21.07
C ARG B 49 -12.02 -7.43 19.77
N ASP B 50 -13.03 -6.85 19.16
CA ASP B 50 -13.58 -7.37 17.91
C ASP B 50 -12.54 -7.22 16.80
N PHE B 51 -11.82 -6.09 16.82
CA PHE B 51 -10.79 -5.80 15.84
C PHE B 51 -9.68 -6.85 15.89
N VAL B 52 -9.15 -7.07 17.09
CA VAL B 52 -8.07 -8.04 17.29
C VAL B 52 -8.52 -9.45 16.92
N GLU B 53 -9.77 -9.77 17.22
CA GLU B 53 -10.31 -11.09 16.91
C GLU B 53 -10.35 -11.29 15.39
N ARG B 54 -10.74 -10.24 14.67
CA ARG B 54 -10.80 -10.31 13.22
C ARG B 54 -9.41 -10.50 12.64
N VAL B 55 -8.43 -9.77 13.20
CA VAL B 55 -7.05 -9.88 12.75
C VAL B 55 -6.53 -11.30 13.00
N ARG B 56 -6.80 -11.83 14.19
CA ARG B 56 -6.35 -13.16 14.54
C ARG B 56 -6.92 -14.22 13.59
N GLU B 57 -8.23 -14.14 13.33
CA GLU B 57 -8.87 -15.08 12.43
C GLU B 57 -8.24 -15.03 11.05
N GLU B 58 -8.13 -13.82 10.50
CA GLU B 58 -7.56 -13.62 9.18
C GLU B 58 -6.08 -14.02 9.09
N ALA B 59 -5.30 -13.64 10.10
CA ALA B 59 -3.88 -13.97 10.12
C ALA B 59 -3.67 -15.48 10.14
N LEU B 60 -4.46 -16.17 10.94
CA LEU B 60 -4.34 -17.63 11.04
C LEU B 60 -4.77 -18.25 9.71
N GLY B 61 -5.77 -17.64 9.08
CA GLY B 61 -6.25 -18.14 7.81
C GLY B 61 -5.21 -18.01 6.73
N LYS B 62 -4.30 -17.05 6.91
CA LYS B 62 -3.23 -16.82 5.95
C LYS B 62 -1.92 -17.47 6.41
N GLN B 63 -2.04 -18.48 7.27
CA GLN B 63 -0.89 -19.20 7.80
C GLN B 63 0.24 -18.29 8.27
N VAL B 64 -0.09 -17.34 9.15
CA VAL B 64 0.91 -16.41 9.66
C VAL B 64 2.03 -17.09 10.43
N LEU B 65 1.72 -18.20 11.10
CA LEU B 65 2.73 -18.92 11.87
C LEU B 65 3.70 -19.72 11.01
N GLU B 66 3.36 -19.90 9.74
CA GLU B 66 4.21 -20.64 8.81
C GLU B 66 4.99 -19.71 7.88
N SER B 67 4.54 -18.46 7.80
CA SER B 67 5.18 -17.47 6.94
C SER B 67 6.59 -17.10 7.35
N LEU B 68 7.42 -16.82 6.36
CA LEU B 68 8.82 -16.43 6.59
C LEU B 68 8.85 -14.94 6.89
N THR B 69 7.75 -14.25 6.58
CA THR B 69 7.63 -12.82 6.83
C THR B 69 6.28 -12.56 7.49
N PRO B 70 6.13 -12.99 8.75
CA PRO B 70 4.89 -12.81 9.52
C PRO B 70 4.45 -11.36 9.66
N ALA B 71 5.41 -10.44 9.66
CA ALA B 71 5.09 -9.02 9.78
C ALA B 71 4.23 -8.55 8.61
N GLU B 72 4.49 -9.10 7.43
CA GLU B 72 3.74 -8.74 6.23
C GLU B 72 2.31 -9.27 6.28
N VAL B 73 2.13 -10.43 6.91
CA VAL B 73 0.81 -11.03 7.03
C VAL B 73 -0.01 -10.23 8.03
N ILE B 74 0.63 -9.78 9.09
CA ILE B 74 -0.03 -8.99 10.12
C ILE B 74 -0.40 -7.63 9.55
N LEU B 75 0.49 -7.05 8.75
CA LEU B 75 0.22 -5.76 8.14
C LEU B 75 -1.02 -5.87 7.27
N ALA B 76 -1.03 -6.88 6.40
CA ALA B 76 -2.16 -7.09 5.50
C ALA B 76 -3.48 -7.32 6.24
N THR B 77 -3.42 -8.07 7.35
CA THR B 77 -4.62 -8.35 8.12
C THR B 77 -5.10 -7.13 8.89
N VAL B 78 -4.15 -6.35 9.44
CA VAL B 78 -4.52 -5.15 10.17
C VAL B 78 -5.07 -4.12 9.19
N TYR B 79 -4.51 -4.12 7.98
CA TYR B 79 -4.95 -3.20 6.94
C TYR B 79 -6.41 -3.50 6.60
N GLU B 80 -6.71 -4.79 6.42
CA GLU B 80 -8.07 -5.23 6.08
C GLU B 80 -9.05 -4.89 7.21
N ALA B 81 -8.65 -5.16 8.44
CA ALA B 81 -9.51 -4.89 9.59
C ALA B 81 -9.76 -3.39 9.73
N LEU B 82 -8.72 -2.59 9.52
CA LEU B 82 -8.82 -1.13 9.63
C LEU B 82 -9.80 -0.60 8.58
N LYS B 83 -9.64 -1.05 7.35
CA LYS B 83 -10.50 -0.62 6.26
C LYS B 83 -11.96 -0.98 6.58
N GLU B 84 -12.16 -2.21 7.06
CA GLU B 84 -13.49 -2.68 7.41
C GLU B 84 -14.11 -1.82 8.52
N ALA B 85 -13.32 -1.53 9.54
CA ALA B 85 -13.78 -0.73 10.67
C ALA B 85 -14.16 0.69 10.25
N LEU B 86 -13.50 1.19 9.21
CA LEU B 86 -13.77 2.55 8.73
C LEU B 86 -14.95 2.62 7.75
N GLY B 87 -15.53 1.47 7.44
CA GLY B 87 -16.67 1.45 6.52
C GLY B 87 -16.50 0.53 5.33
N GLY B 88 -15.28 0.04 5.12
CA GLY B 88 -15.04 -0.84 3.99
C GLY B 88 -15.03 -0.10 2.67
N GLU B 89 -16.08 -0.29 1.89
CA GLU B 89 -16.22 0.37 0.59
C GLU B 89 -16.60 1.83 0.75
N ALA B 90 -16.01 2.70 -0.05
CA ALA B 90 -16.30 4.13 0.00
C ALA B 90 -17.76 4.34 -0.39
N ARG B 91 -18.42 5.26 0.31
CA ARG B 91 -19.83 5.54 0.04
C ARG B 91 -20.12 7.03 -0.06
N LEU B 92 -21.14 7.37 -0.85
CA LEU B 92 -21.55 8.76 -1.04
C LEU B 92 -23.07 8.81 -1.09
N PRO B 93 -23.67 9.96 -0.70
CA PRO B 93 -25.12 10.06 -0.73
C PRO B 93 -25.67 9.77 -2.13
N VAL B 94 -26.86 9.18 -2.18
CA VAL B 94 -27.49 8.85 -3.46
C VAL B 94 -28.08 10.11 -4.09
N LEU B 95 -27.66 10.41 -5.31
CA LEU B 95 -28.16 11.58 -6.03
C LEU B 95 -29.29 11.16 -6.96
N LYS B 96 -30.44 11.79 -6.82
CA LYS B 96 -31.59 11.48 -7.66
C LYS B 96 -32.11 12.74 -8.35
N ASP B 97 -33.36 12.70 -8.78
CA ASP B 97 -33.98 13.83 -9.45
C ASP B 97 -33.86 15.08 -8.57
N ARG B 98 -34.53 15.05 -7.43
CA ARG B 98 -34.49 16.16 -6.49
C ARG B 98 -33.79 15.69 -5.22
N ASN B 99 -32.95 16.56 -4.66
CA ASN B 99 -32.22 16.23 -3.44
C ASN B 99 -32.29 17.35 -2.41
N LEU B 100 -32.83 17.04 -1.25
CA LEU B 100 -32.91 18.01 -0.16
C LEU B 100 -32.23 17.34 1.03
N TRP B 101 -31.07 17.87 1.40
CA TRP B 101 -30.30 17.30 2.50
C TRP B 101 -30.16 18.27 3.67
N PHE B 102 -30.23 17.70 4.87
CA PHE B 102 -30.09 18.48 6.10
C PHE B 102 -28.66 18.30 6.57
N LEU B 103 -28.10 19.35 7.17
CA LEU B 103 -26.76 19.30 7.72
C LEU B 103 -26.97 19.66 9.18
N VAL B 104 -26.79 18.69 10.07
CA VAL B 104 -26.97 18.91 11.49
C VAL B 104 -25.67 18.73 12.27
N GLY B 105 -25.66 19.19 13.51
CA GLY B 105 -24.48 19.07 14.33
C GLY B 105 -24.33 20.24 15.29
N LEU B 106 -23.32 20.18 16.14
CA LEU B 106 -23.08 21.22 17.12
C LEU B 106 -22.19 22.33 16.56
N GLN B 107 -22.18 23.46 17.24
CA GLN B 107 -21.37 24.60 16.84
C GLN B 107 -19.90 24.20 16.98
N GLY B 108 -19.06 24.68 16.06
CA GLY B 108 -17.65 24.35 16.12
C GLY B 108 -17.35 22.99 15.51
N SER B 109 -18.38 22.32 15.00
CA SER B 109 -18.22 21.01 14.38
C SER B 109 -17.76 21.14 12.94
N GLY B 110 -17.86 22.35 12.40
CA GLY B 110 -17.46 22.59 11.03
C GLY B 110 -18.65 22.41 10.09
N LYS B 111 -19.85 22.40 10.68
CA LYS B 111 -21.09 22.21 9.94
C LYS B 111 -21.34 23.23 8.82
N THR B 112 -21.26 24.52 9.16
CA THR B 112 -21.51 25.57 8.17
C THR B 112 -20.48 25.59 7.06
N THR B 113 -19.20 25.50 7.42
CA THR B 113 -18.15 25.50 6.41
C THR B 113 -18.27 24.27 5.54
N THR B 114 -18.70 23.16 6.13
CA THR B 114 -18.87 21.91 5.39
C THR B 114 -20.02 22.03 4.39
N ALA B 115 -21.04 22.81 4.76
CA ALA B 115 -22.19 23.01 3.89
C ALA B 115 -21.74 23.68 2.60
N ALA B 116 -20.89 24.70 2.73
CA ALA B 116 -20.38 25.42 1.57
C ALA B 116 -19.41 24.56 0.77
N LYS B 117 -18.60 23.78 1.47
CA LYS B 117 -17.63 22.91 0.81
C LYS B 117 -18.35 21.84 0.00
N LEU B 118 -19.43 21.30 0.55
CA LEU B 118 -20.22 20.28 -0.13
C LEU B 118 -20.86 20.87 -1.37
N ALA B 119 -21.36 22.09 -1.26
CA ALA B 119 -22.00 22.79 -2.37
C ALA B 119 -21.00 22.95 -3.51
N LEU B 120 -19.78 23.37 -3.16
CA LEU B 120 -18.73 23.57 -4.15
C LEU B 120 -18.36 22.24 -4.81
N TYR B 121 -18.21 21.20 -3.99
CA TYR B 121 -17.85 19.89 -4.50
C TYR B 121 -18.87 19.39 -5.53
N TYR B 122 -20.15 19.45 -5.18
CA TYR B 122 -21.20 18.99 -6.08
C TYR B 122 -21.42 19.92 -7.28
N LYS B 123 -21.13 21.20 -7.11
CA LYS B 123 -21.28 22.14 -8.22
C LYS B 123 -20.24 21.74 -9.26
N GLY B 124 -19.04 21.40 -8.79
CA GLY B 124 -17.98 20.99 -9.69
C GLY B 124 -18.35 19.68 -10.36
N LYS B 125 -19.25 18.94 -9.72
CA LYS B 125 -19.69 17.66 -10.26
C LYS B 125 -20.86 17.83 -11.21
N GLY B 126 -21.17 19.09 -11.54
CA GLY B 126 -22.26 19.36 -12.46
C GLY B 126 -23.62 19.58 -11.84
N ARG B 127 -23.69 19.64 -10.52
CA ARG B 127 -24.96 19.86 -9.84
C ARG B 127 -25.24 21.35 -9.72
N ARG B 128 -26.48 21.69 -9.39
CA ARG B 128 -26.90 23.07 -9.23
C ARG B 128 -27.43 23.19 -7.80
N PRO B 129 -26.51 23.34 -6.83
CA PRO B 129 -26.88 23.45 -5.41
C PRO B 129 -27.44 24.78 -4.95
N LEU B 130 -28.15 24.72 -3.82
CA LEU B 130 -28.73 25.88 -3.18
C LEU B 130 -28.48 25.74 -1.68
N LEU B 131 -27.77 26.70 -1.10
CA LEU B 131 -27.48 26.68 0.32
C LEU B 131 -28.62 27.37 1.07
N VAL B 132 -29.05 26.77 2.16
CA VAL B 132 -30.12 27.34 2.96
C VAL B 132 -29.65 27.56 4.40
N ALA B 133 -29.57 28.82 4.80
CA ALA B 133 -29.17 29.17 6.16
C ALA B 133 -30.45 29.11 6.98
N ALA B 134 -30.69 27.99 7.65
CA ALA B 134 -31.91 27.78 8.42
C ALA B 134 -31.93 28.15 9.91
N ASP B 135 -30.96 28.91 10.38
CA ASP B 135 -30.97 29.30 11.79
C ASP B 135 -31.99 30.44 11.93
N THR B 136 -33.14 30.14 12.53
CA THR B 136 -34.20 31.13 12.68
C THR B 136 -34.04 32.00 13.92
N GLN B 137 -32.90 31.91 14.59
CA GLN B 137 -32.68 32.71 15.79
C GLN B 137 -31.44 33.59 15.74
N ARG B 138 -30.43 33.16 15.00
CA ARG B 138 -29.18 33.93 14.92
C ARG B 138 -28.83 34.44 13.53
N PRO B 139 -29.06 35.74 13.30
CA PRO B 139 -28.77 36.36 12.00
C PRO B 139 -27.30 36.20 11.61
N ALA B 140 -26.41 36.25 12.59
CA ALA B 140 -24.97 36.11 12.35
C ALA B 140 -24.64 34.77 11.73
N ALA B 141 -25.34 33.72 12.15
CA ALA B 141 -25.12 32.38 11.61
C ALA B 141 -25.52 32.33 10.14
N ARG B 142 -26.61 33.03 9.81
CA ARG B 142 -27.12 33.06 8.45
C ARG B 142 -26.22 33.88 7.54
N GLU B 143 -25.69 34.99 8.07
CA GLU B 143 -24.81 35.84 7.28
C GLU B 143 -23.51 35.13 6.98
N GLN B 144 -23.05 34.30 7.91
CA GLN B 144 -21.81 33.56 7.71
C GLN B 144 -21.90 32.67 6.48
N LEU B 145 -23.02 31.97 6.34
CA LEU B 145 -23.22 31.08 5.19
C LEU B 145 -23.39 31.89 3.90
N ARG B 146 -23.99 33.07 4.01
CA ARG B 146 -24.19 33.91 2.83
C ARG B 146 -22.84 34.27 2.22
N LEU B 147 -21.90 34.67 3.06
CA LEU B 147 -20.57 35.05 2.60
C LEU B 147 -19.77 33.86 2.07
N LEU B 148 -19.94 32.70 2.70
CA LEU B 148 -19.23 31.50 2.26
C LEU B 148 -19.80 31.09 0.90
N GLY B 149 -21.11 31.17 0.78
CA GLY B 149 -21.76 30.81 -0.48
C GLY B 149 -21.29 31.73 -1.58
N GLU B 150 -21.03 32.98 -1.21
CA GLU B 150 -20.56 33.99 -2.16
C GLU B 150 -19.16 33.61 -2.63
N LYS B 151 -18.34 33.14 -1.69
CA LYS B 151 -16.97 32.75 -1.99
C LYS B 151 -16.90 31.53 -2.90
N VAL B 152 -17.85 30.61 -2.74
CA VAL B 152 -17.87 29.41 -3.56
C VAL B 152 -18.74 29.54 -4.80
N GLY B 153 -19.40 30.69 -4.95
CA GLY B 153 -20.25 30.93 -6.11
C GLY B 153 -21.51 30.08 -6.13
N VAL B 154 -22.12 29.90 -4.95
CA VAL B 154 -23.34 29.12 -4.83
C VAL B 154 -24.41 29.98 -4.15
N PRO B 155 -25.64 29.99 -4.70
CA PRO B 155 -26.74 30.78 -4.13
C PRO B 155 -27.10 30.38 -2.71
N VAL B 156 -27.48 31.37 -1.90
CA VAL B 156 -27.84 31.13 -0.51
C VAL B 156 -29.19 31.76 -0.14
N LEU B 157 -30.08 30.95 0.43
CA LEU B 157 -31.37 31.45 0.87
C LEU B 157 -31.32 31.50 2.39
N GLU B 158 -31.53 32.69 2.94
CA GLU B 158 -31.51 32.88 4.39
C GLU B 158 -32.94 32.96 4.92
N VAL B 159 -33.24 32.16 5.94
CA VAL B 159 -34.57 32.19 6.53
C VAL B 159 -34.69 33.47 7.34
N MET B 160 -35.92 33.81 7.73
N MET B 160 -35.91 33.81 7.73
CA MET B 160 -36.15 35.02 8.51
CA MET B 160 -36.14 35.01 8.52
C MET B 160 -36.25 34.65 10.00
C MET B 160 -36.25 34.65 10.00
N ASP B 161 -36.06 35.64 10.86
CA ASP B 161 -36.15 35.41 12.30
C ASP B 161 -37.50 34.79 12.63
N GLY B 162 -37.46 33.65 13.30
CA GLY B 162 -38.68 32.97 13.70
C GLY B 162 -39.58 32.51 12.56
N GLU B 163 -39.02 32.36 11.37
CA GLU B 163 -39.83 31.93 10.23
C GLU B 163 -40.33 30.50 10.45
N SER B 164 -41.59 30.26 10.13
CA SER B 164 -42.19 28.93 10.29
C SER B 164 -41.64 27.96 9.26
N PRO B 165 -41.62 26.66 9.58
CA PRO B 165 -41.12 25.64 8.64
C PRO B 165 -41.92 25.62 7.34
N GLU B 166 -43.20 25.96 7.42
CA GLU B 166 -44.07 25.98 6.25
C GLU B 166 -43.67 27.13 5.31
N SER B 167 -43.33 28.27 5.90
CA SER B 167 -42.91 29.43 5.11
C SER B 167 -41.55 29.14 4.48
N ILE B 168 -40.67 28.51 5.26
CA ILE B 168 -39.34 28.17 4.77
C ILE B 168 -39.48 27.24 3.56
N ARG B 169 -40.35 26.25 3.67
CA ARG B 169 -40.57 25.30 2.59
C ARG B 169 -41.05 25.98 1.31
N ARG B 170 -41.98 26.91 1.45
CA ARG B 170 -42.53 27.62 0.29
C ARG B 170 -41.48 28.46 -0.43
N ARG B 171 -40.68 29.20 0.34
CA ARG B 171 -39.64 30.03 -0.26
C ARG B 171 -38.51 29.21 -0.86
N VAL B 172 -38.18 28.09 -0.23
CA VAL B 172 -37.12 27.22 -0.73
C VAL B 172 -37.56 26.58 -2.04
N GLU B 173 -38.80 26.11 -2.09
CA GLU B 173 -39.33 25.47 -3.29
C GLU B 173 -39.41 26.46 -4.45
N GLU B 174 -39.80 27.69 -4.15
CA GLU B 174 -39.93 28.72 -5.18
C GLU B 174 -38.56 29.07 -5.76
N LYS B 175 -37.60 29.34 -4.89
CA LYS B 175 -36.26 29.69 -5.34
C LYS B 175 -35.62 28.55 -6.12
N ALA B 176 -35.82 27.33 -5.63
CA ALA B 176 -35.26 26.14 -6.29
C ALA B 176 -35.83 25.94 -7.69
N ARG B 177 -37.10 26.29 -7.86
CA ARG B 177 -37.77 26.14 -9.15
C ARG B 177 -37.32 27.24 -10.11
N LEU B 178 -37.30 28.48 -9.63
CA LEU B 178 -36.91 29.61 -10.45
C LEU B 178 -35.45 29.56 -10.91
N GLU B 179 -34.60 28.94 -10.09
CA GLU B 179 -33.18 28.85 -10.42
C GLU B 179 -32.72 27.44 -10.79
N ALA B 180 -33.68 26.54 -11.00
CA ALA B 180 -33.39 25.17 -11.39
C ALA B 180 -32.34 24.47 -10.50
N ARG B 181 -32.50 24.59 -9.19
CA ARG B 181 -31.57 23.95 -8.26
C ARG B 181 -31.95 22.47 -8.12
N ASP B 182 -30.96 21.59 -8.12
CA ASP B 182 -31.25 20.17 -7.99
C ASP B 182 -30.64 19.54 -6.74
N LEU B 183 -29.99 20.37 -5.93
CA LEU B 183 -29.39 19.91 -4.68
C LEU B 183 -29.54 21.00 -3.63
N ILE B 184 -30.44 20.76 -2.68
CA ILE B 184 -30.69 21.74 -1.62
C ILE B 184 -30.02 21.29 -0.32
N LEU B 185 -29.06 22.09 0.14
CA LEU B 185 -28.34 21.79 1.36
C LEU B 185 -28.78 22.73 2.48
N VAL B 186 -29.55 22.18 3.42
CA VAL B 186 -30.06 22.96 4.54
C VAL B 186 -29.15 22.93 5.75
N ASP B 187 -28.52 24.06 6.04
CA ASP B 187 -27.62 24.18 7.18
C ASP B 187 -28.48 24.55 8.40
N THR B 188 -28.75 23.57 9.25
CA THR B 188 -29.56 23.81 10.44
C THR B 188 -28.76 24.51 11.53
N ALA B 189 -29.47 25.06 12.51
CA ALA B 189 -28.85 25.79 13.61
C ALA B 189 -27.83 24.97 14.40
N GLY B 190 -26.69 25.58 14.70
CA GLY B 190 -25.66 24.92 15.47
C GLY B 190 -25.49 25.55 16.84
N ARG B 191 -25.53 24.72 17.87
CA ARG B 191 -25.38 25.20 19.24
C ARG B 191 -24.22 24.46 19.92
N LEU B 192 -23.71 25.04 21.00
CA LEU B 192 -22.60 24.45 21.72
C LEU B 192 -22.98 23.11 22.36
N GLN B 193 -24.24 22.97 22.75
CA GLN B 193 -24.73 21.75 23.36
C GLN B 193 -26.11 21.39 22.81
N ILE B 194 -26.48 20.12 22.94
CA ILE B 194 -27.78 19.67 22.45
C ILE B 194 -28.88 20.40 23.19
N ASP B 195 -29.66 21.18 22.46
CA ASP B 195 -30.76 21.96 23.02
C ASP B 195 -32.10 21.27 22.75
N GLU B 196 -32.81 20.92 23.81
CA GLU B 196 -34.10 20.25 23.66
C GLU B 196 -35.04 21.03 22.75
N PRO B 197 -35.20 22.34 22.99
CA PRO B 197 -36.09 23.12 22.13
C PRO B 197 -35.64 23.09 20.67
N LEU B 198 -34.33 23.10 20.47
CA LEU B 198 -33.76 23.07 19.12
C LEU B 198 -34.02 21.72 18.44
N MET B 199 -33.85 20.64 19.20
CA MET B 199 -34.08 19.29 18.66
C MET B 199 -35.52 19.17 18.20
N GLY B 200 -36.43 19.81 18.93
CA GLY B 200 -37.83 19.77 18.57
C GLY B 200 -38.04 20.50 17.27
N GLU B 201 -37.36 21.62 17.11
CA GLU B 201 -37.45 22.43 15.91
C GLU B 201 -36.86 21.69 14.71
N LEU B 202 -35.74 21.02 14.91
CA LEU B 202 -35.09 20.27 13.84
C LEU B 202 -35.99 19.13 13.39
N ALA B 203 -36.58 18.44 14.37
CA ALA B 203 -37.48 17.33 14.10
C ALA B 203 -38.69 17.80 13.30
N ARG B 204 -39.23 18.95 13.66
CA ARG B 204 -40.40 19.51 12.99
C ARG B 204 -40.03 19.94 11.56
N LEU B 205 -38.88 20.57 11.41
CA LEU B 205 -38.42 21.01 10.10
C LEU B 205 -38.24 19.81 9.18
N LYS B 206 -37.74 18.71 9.74
CA LYS B 206 -37.52 17.49 8.98
C LYS B 206 -38.86 16.95 8.48
N GLU B 207 -39.89 17.05 9.32
CA GLU B 207 -41.22 16.57 8.97
C GLU B 207 -41.82 17.40 7.84
N VAL B 208 -41.61 18.70 7.89
CA VAL B 208 -42.15 19.59 6.86
C VAL B 208 -41.36 19.58 5.56
N LEU B 209 -40.03 19.57 5.64
CA LEU B 209 -39.20 19.57 4.45
C LEU B 209 -38.94 18.17 3.89
N GLY B 210 -39.01 17.16 4.75
CA GLY B 210 -38.79 15.79 4.32
C GLY B 210 -37.49 15.55 3.56
N PRO B 211 -36.33 15.82 4.18
CA PRO B 211 -35.03 15.62 3.52
C PRO B 211 -34.75 14.16 3.17
N ASP B 212 -34.01 13.96 2.08
CA ASP B 212 -33.65 12.62 1.63
C ASP B 212 -32.44 12.13 2.41
N GLU B 213 -31.69 13.07 2.97
CA GLU B 213 -30.51 12.75 3.76
C GLU B 213 -30.35 13.73 4.91
N VAL B 214 -29.83 13.24 6.02
CA VAL B 214 -29.57 14.06 7.19
C VAL B 214 -28.13 13.76 7.56
N LEU B 215 -27.23 14.64 7.11
CA LEU B 215 -25.81 14.48 7.37
C LEU B 215 -25.38 15.13 8.67
N LEU B 216 -24.87 14.31 9.59
CA LEU B 216 -24.40 14.82 10.87
C LEU B 216 -22.91 15.14 10.75
N VAL B 217 -22.56 16.40 10.99
CA VAL B 217 -21.18 16.84 10.91
C VAL B 217 -20.56 16.75 12.29
N LEU B 218 -19.43 16.06 12.39
CA LEU B 218 -18.76 15.88 13.67
C LEU B 218 -17.29 16.27 13.64
N ASP B 219 -16.85 16.95 14.70
CA ASP B 219 -15.45 17.34 14.82
C ASP B 219 -14.72 16.10 15.33
N ALA B 220 -14.00 15.43 14.43
CA ALA B 220 -13.27 14.21 14.77
C ALA B 220 -12.38 14.34 15.99
N MET B 221 -11.96 15.56 16.30
CA MET B 221 -11.08 15.80 17.45
C MET B 221 -11.79 15.75 18.79
N THR B 222 -13.11 15.55 18.77
CA THR B 222 -13.88 15.50 20.01
C THR B 222 -13.92 14.08 20.58
N GLY B 223 -13.32 13.14 19.86
CA GLY B 223 -13.28 11.76 20.31
C GLY B 223 -14.61 11.09 20.58
N GLN B 224 -14.65 10.27 21.63
CA GLN B 224 -15.85 9.52 22.01
C GLN B 224 -17.09 10.39 22.15
N GLU B 225 -16.90 11.65 22.53
CA GLU B 225 -18.01 12.58 22.69
C GLU B 225 -18.80 12.68 21.38
N ALA B 226 -18.09 12.60 20.26
CA ALA B 226 -18.72 12.68 18.95
C ALA B 226 -19.73 11.55 18.75
N LEU B 227 -19.39 10.38 19.27
CA LEU B 227 -20.28 9.22 19.14
C LEU B 227 -21.52 9.43 20.01
N SER B 228 -21.37 10.20 21.09
CA SER B 228 -22.47 10.50 21.98
C SER B 228 -23.40 11.47 21.26
N VAL B 229 -22.80 12.47 20.62
CA VAL B 229 -23.54 13.48 19.88
C VAL B 229 -24.26 12.77 18.73
N ALA B 230 -23.58 11.81 18.11
CA ALA B 230 -24.14 11.06 17.00
C ALA B 230 -25.37 10.29 17.47
N ARG B 231 -25.32 9.76 18.69
CA ARG B 231 -26.43 9.01 19.23
C ARG B 231 -27.61 9.92 19.54
N ALA B 232 -27.34 11.09 20.12
CA ALA B 232 -28.40 12.03 20.47
C ALA B 232 -29.13 12.57 19.23
N PHE B 233 -28.38 12.91 18.19
CA PHE B 233 -28.98 13.42 16.96
C PHE B 233 -29.80 12.38 16.22
N ASP B 234 -29.33 11.13 16.23
CA ASP B 234 -30.06 10.07 15.54
C ASP B 234 -31.31 9.67 16.30
N GLU B 235 -31.25 9.76 17.63
CA GLU B 235 -32.40 9.39 18.46
C GLU B 235 -33.48 10.46 18.45
N LYS B 236 -33.07 11.73 18.49
CA LYS B 236 -34.02 12.84 18.51
C LYS B 236 -34.40 13.42 17.15
N VAL B 237 -33.54 13.23 16.15
CA VAL B 237 -33.83 13.75 14.81
C VAL B 237 -33.79 12.68 13.72
N GLY B 238 -32.75 11.86 13.72
CA GLY B 238 -32.63 10.82 12.72
C GLY B 238 -31.59 11.17 11.68
N VAL B 239 -30.44 10.51 11.74
CA VAL B 239 -29.33 10.75 10.82
C VAL B 239 -29.21 9.64 9.79
N THR B 240 -28.64 9.95 8.62
CA THR B 240 -28.46 8.97 7.56
C THR B 240 -26.99 8.77 7.20
N GLY B 241 -26.16 9.77 7.52
CA GLY B 241 -24.75 9.66 7.21
C GLY B 241 -23.92 10.61 8.05
N LEU B 242 -22.61 10.44 8.01
CA LEU B 242 -21.72 11.29 8.79
C LEU B 242 -20.66 12.00 7.96
N VAL B 243 -20.19 13.13 8.49
CA VAL B 243 -19.13 13.91 7.88
C VAL B 243 -18.19 14.22 9.02
N LEU B 244 -16.98 13.66 8.97
CA LEU B 244 -15.99 13.88 10.01
C LEU B 244 -15.03 14.98 9.58
N THR B 245 -14.99 16.06 10.35
CA THR B 245 -14.13 17.19 10.04
C THR B 245 -12.90 17.24 10.92
N LYS B 246 -11.95 18.09 10.55
CA LYS B 246 -10.71 18.26 11.30
C LYS B 246 -9.91 16.97 11.45
N LEU B 247 -10.01 16.09 10.46
CA LEU B 247 -9.28 14.84 10.50
C LEU B 247 -7.79 15.15 10.49
N ASP B 248 -7.46 16.38 10.08
CA ASP B 248 -6.06 16.83 10.02
C ASP B 248 -5.57 17.31 11.37
N GLY B 249 -6.51 17.56 12.29
CA GLY B 249 -6.16 18.04 13.60
C GLY B 249 -5.50 17.00 14.49
N ASP B 250 -4.77 17.47 15.50
CA ASP B 250 -4.08 16.59 16.44
C ASP B 250 -5.06 15.87 17.36
N ALA B 251 -5.37 14.62 17.02
CA ALA B 251 -6.29 13.81 17.83
C ALA B 251 -5.90 12.34 17.74
N ARG B 252 -6.56 11.51 18.54
CA ARG B 252 -6.26 10.08 18.55
C ARG B 252 -6.98 9.33 17.42
N GLY B 253 -8.23 9.69 17.17
CA GLY B 253 -8.98 9.05 16.09
C GLY B 253 -9.68 7.75 16.45
N GLY B 254 -9.69 7.40 17.73
CA GLY B 254 -10.34 6.18 18.16
C GLY B 254 -11.83 6.16 17.88
N ALA B 255 -12.48 7.30 18.04
CA ALA B 255 -13.91 7.41 17.79
C ALA B 255 -14.21 7.26 16.31
N ALA B 256 -13.37 7.85 15.47
CA ALA B 256 -13.54 7.78 14.03
C ALA B 256 -13.49 6.33 13.55
N LEU B 257 -12.62 5.54 14.18
CA LEU B 257 -12.46 4.13 13.83
C LEU B 257 -13.66 3.31 14.30
N SER B 258 -14.39 3.83 15.28
CA SER B 258 -15.55 3.12 15.83
C SER B 258 -16.88 3.58 15.24
N ALA B 259 -16.88 4.71 14.55
CA ALA B 259 -18.08 5.28 13.96
C ALA B 259 -19.02 4.25 13.33
N ARG B 260 -18.51 3.44 12.40
CA ARG B 260 -19.33 2.43 11.75
C ARG B 260 -19.93 1.43 12.73
N HIS B 261 -19.06 0.81 13.53
CA HIS B 261 -19.47 -0.18 14.52
C HIS B 261 -20.50 0.34 15.51
N VAL B 262 -20.29 1.56 16.01
CA VAL B 262 -21.17 2.16 17.01
C VAL B 262 -22.43 2.84 16.48
N THR B 263 -22.31 3.70 15.48
CA THR B 263 -23.45 4.41 14.94
C THR B 263 -24.19 3.69 13.82
N GLY B 264 -23.49 2.82 13.11
CA GLY B 264 -24.12 2.10 12.02
C GLY B 264 -24.36 3.02 10.84
N LYS B 265 -23.80 4.23 10.91
CA LYS B 265 -23.95 5.21 9.84
C LYS B 265 -22.67 5.32 9.02
N PRO B 266 -22.81 5.49 7.70
CA PRO B 266 -21.64 5.60 6.82
C PRO B 266 -20.99 6.97 6.89
N ILE B 267 -19.67 7.01 6.72
CA ILE B 267 -18.94 8.27 6.72
C ILE B 267 -18.81 8.65 5.24
N TYR B 268 -19.60 9.62 4.82
CA TYR B 268 -19.60 10.06 3.43
C TYR B 268 -18.39 10.93 3.06
N PHE B 269 -18.16 11.98 3.83
CA PHE B 269 -17.06 12.90 3.58
C PHE B 269 -16.19 13.11 4.81
N ALA B 270 -15.00 13.65 4.57
CA ALA B 270 -14.05 13.92 5.64
C ALA B 270 -13.35 15.25 5.40
N GLY B 271 -13.33 16.10 6.43
CA GLY B 271 -12.67 17.39 6.30
C GLY B 271 -11.20 17.21 6.65
N VAL B 272 -10.31 17.69 5.79
CA VAL B 272 -8.88 17.56 6.04
C VAL B 272 -8.13 18.88 6.04
N SER B 273 -8.86 19.99 6.03
CA SER B 273 -8.25 21.32 6.04
C SER B 273 -9.31 22.41 6.06
N GLU B 274 -8.87 23.64 6.26
CA GLU B 274 -9.78 24.79 6.28
C GLU B 274 -10.01 25.32 4.88
N LYS B 275 -9.11 24.97 3.96
CA LYS B 275 -9.20 25.41 2.58
C LYS B 275 -10.51 24.98 1.92
N PRO B 276 -10.90 25.63 0.82
CA PRO B 276 -12.14 25.33 0.09
C PRO B 276 -12.30 23.88 -0.36
N GLU B 277 -11.19 23.25 -0.73
CA GLU B 277 -11.22 21.86 -1.17
C GLU B 277 -10.83 20.92 -0.04
N GLY B 278 -10.85 21.42 1.18
CA GLY B 278 -10.50 20.62 2.33
C GLY B 278 -11.41 19.41 2.53
N LEU B 279 -12.59 19.46 1.92
CA LEU B 279 -13.54 18.37 2.04
C LEU B 279 -13.45 17.45 0.83
N GLU B 280 -13.44 16.14 1.09
CA GLU B 280 -13.35 15.16 0.01
C GLU B 280 -14.07 13.87 0.38
N PRO B 281 -14.49 13.09 -0.63
CA PRO B 281 -15.19 11.83 -0.35
C PRO B 281 -14.33 10.97 0.57
N PHE B 282 -14.97 10.25 1.48
CA PHE B 282 -14.23 9.40 2.42
C PHE B 282 -13.93 8.01 1.87
N TYR B 283 -12.66 7.66 1.83
CA TYR B 283 -12.23 6.35 1.34
C TYR B 283 -11.56 5.57 2.48
N PRO B 284 -12.29 4.63 3.09
CA PRO B 284 -11.71 3.85 4.20
C PRO B 284 -10.41 3.16 3.79
N GLU B 285 -10.37 2.66 2.56
CA GLU B 285 -9.21 1.97 2.03
C GLU B 285 -7.94 2.83 2.06
N ARG B 286 -8.09 4.10 1.67
CA ARG B 286 -6.96 5.02 1.65
C ARG B 286 -6.48 5.39 3.05
N LEU B 287 -7.42 5.66 3.95
CA LEU B 287 -7.07 6.03 5.31
C LEU B 287 -6.40 4.86 6.03
N ALA B 288 -6.94 3.66 5.82
CA ALA B 288 -6.38 2.46 6.44
C ALA B 288 -4.92 2.29 6.05
N GLY B 289 -4.63 2.48 4.76
CA GLY B 289 -3.27 2.33 4.27
C GLY B 289 -2.33 3.39 4.83
N ARG B 290 -2.82 4.63 4.93
CA ARG B 290 -2.02 5.73 5.44
C ARG B 290 -1.70 5.54 6.93
N ILE B 291 -2.65 4.99 7.66
CA ILE B 291 -2.45 4.76 9.10
C ILE B 291 -1.31 3.76 9.28
N LEU B 292 -1.18 2.84 8.32
CA LEU B 292 -0.13 1.82 8.38
C LEU B 292 1.16 2.24 7.68
N GLY B 293 1.24 3.51 7.30
CA GLY B 293 2.44 4.03 6.64
C GLY B 293 2.59 3.68 5.18
N MET B 294 1.54 3.13 4.57
CA MET B 294 1.57 2.76 3.16
C MET B 294 1.09 3.90 2.28
N GLY B 295 1.54 3.92 1.03
CA GLY B 295 1.12 4.95 0.09
C GLY B 295 1.80 6.29 0.24
N ASP B 296 1.10 7.34 -0.15
CA ASP B 296 1.64 8.69 -0.10
C ASP B 296 1.68 9.25 1.32
#